data_3V1M
#
_entry.id   3V1M
#
_cell.length_a   117.085
_cell.length_b   117.085
_cell.length_c   87.187
_cell.angle_alpha   90.000
_cell.angle_beta   90.000
_cell.angle_gamma   90.000
#
_symmetry.space_group_name_H-M   'I 41 2 2'
#
loop_
_entity.id
_entity.type
_entity.pdbx_description
1 polymer '2-hydroxy-6-oxo-6-phenylhexa-2,4-dienoate hydrolase'
2 non-polymer 'MALONATE ION'
3 non-polymer (3E)-2,6-DIOXO-6-PHENYLHEX-3-ENOATE
4 water water
#
_entity_poly.entity_id   1
_entity_poly.type   'polypeptide(L)'
_entity_poly.pdbx_seq_one_letter_code
;MTALTESSTSKFVKINEKGFSDFNIHYNEAGNGETVIMLHGGGPGAGGWSNYYRNVGPFVDAGYRVILKDSPGFNKSDAV
VMDEQRGLVNARAVKGLMDALDIDRAHLVGNAMGGATALNFALEYPDRIGKLILMGPGGLGPSMFAPMPMEGIKLLFKLY
AEPSYETLKQMLQVFLYDQSLITEELLQGRWEAIQRQPEHLKNFLISAQKAPLSTWDVTARLGEIKAKTFITWGRDDRFV
PLDHGLKLLWNIDDARLHVFSKCGQWAQWEHADEFNRLVIDFLRHA
;
_entity_poly.pdbx_strand_id   A
#
loop_
_chem_comp.id
_chem_comp.type
_chem_comp.name
_chem_comp.formula
HPK non-polymer (3E)-2,6-DIOXO-6-PHENYLHEX-3-ENOATE 'C12 H9 O4 -1'
MLI non-polymer 'MALONATE ION' 'C3 H2 O4 -2'
#
# COMPACT_ATOMS: atom_id res chain seq x y z
N LEU A 4 3.09 21.40 0.57
CA LEU A 4 3.64 20.35 1.48
C LEU A 4 4.82 19.67 0.80
N THR A 5 5.84 19.32 1.59
CA THR A 5 7.02 18.65 1.05
C THR A 5 7.34 17.42 1.91
N GLU A 6 8.13 16.50 1.35
CA GLU A 6 8.52 15.29 2.10
C GLU A 6 9.27 15.69 3.36
N SER A 7 10.19 16.64 3.20
CA SER A 7 11.02 17.10 4.30
C SER A 7 10.23 17.79 5.43
N SER A 8 9.33 18.69 5.06
CA SER A 8 8.54 19.40 6.07
C SER A 8 7.55 18.49 6.82
N THR A 9 7.16 17.35 6.22
CA THR A 9 6.17 16.44 6.82
C THR A 9 6.79 15.23 7.52
N SER A 10 8.08 15.04 7.34
CA SER A 10 8.79 13.83 7.76
C SER A 10 8.86 13.72 9.27
N LYS A 11 8.49 12.55 9.79
CA LYS A 11 8.55 12.33 11.23
C LYS A 11 8.98 10.90 11.49
N PHE A 12 9.44 10.63 12.71
CA PHE A 12 9.81 9.27 13.11
C PHE A 12 9.17 8.95 14.46
N VAL A 13 8.84 7.68 14.67
CA VAL A 13 8.28 7.24 15.96
C VAL A 13 8.77 5.82 16.20
N LYS A 14 9.14 5.52 17.45
CA LYS A 14 9.59 4.19 17.82
C LYS A 14 8.36 3.40 18.23
N ILE A 15 8.17 2.20 17.68
CA ILE A 15 6.99 1.44 18.07
C ILE A 15 7.31 0.21 18.92
N ASN A 16 6.31 -0.17 19.73
CA ASN A 16 6.36 -1.34 20.60
C ASN A 16 5.03 -2.11 20.52
N GLU A 17 5.02 -3.17 19.73
CA GLU A 17 3.82 -3.99 19.52
C GLU A 17 4.26 -5.39 19.15
N LYS A 18 3.66 -6.39 19.80
CA LYS A 18 4.03 -7.78 19.61
C LYS A 18 5.55 -7.89 19.35
N GLY A 19 5.97 -8.41 18.19
CA GLY A 19 7.37 -8.62 17.91
C GLY A 19 8.18 -7.40 17.49
N PHE A 20 7.69 -6.21 17.82
CA PHE A 20 8.43 -4.97 17.57
C PHE A 20 8.89 -4.39 18.90
N SER A 21 10.19 -4.16 19.03
CA SER A 21 10.72 -3.45 20.20
C SER A 21 11.60 -2.30 19.79
N ASP A 22 11.21 -1.11 20.20
CA ASP A 22 11.86 0.13 19.78
C ASP A 22 12.19 0.15 18.30
N PHE A 23 11.16 -0.15 17.52
CA PHE A 23 11.32 -0.26 16.09
C PHE A 23 10.95 1.08 15.49
N ASN A 24 11.85 1.59 14.66
CA ASN A 24 11.72 2.92 14.10
C ASN A 24 10.78 2.92 12.89
N ILE A 25 9.73 3.72 12.96
CA ILE A 25 8.81 3.89 11.83
C ILE A 25 8.87 5.32 11.34
N HIS A 26 9.17 5.49 10.06
CA HIS A 26 9.11 6.79 9.40
C HIS A 26 7.76 7.01 8.81
N TYR A 27 7.27 8.24 8.90
CA TYR A 27 6.03 8.62 8.24
C TYR A 27 6.02 10.10 7.88
N ASN A 28 5.12 10.50 7.00
CA ASN A 28 4.93 11.89 6.65
C ASN A 28 3.52 12.28 7.05
N GLU A 29 3.40 13.39 7.77
CA GLU A 29 2.11 13.80 8.35
C GLU A 29 1.80 15.23 7.96
N ALA A 30 0.56 15.47 7.55
CA ALA A 30 0.05 16.82 7.37
C ALA A 30 -1.43 16.85 7.74
N GLY A 31 -1.92 18.03 8.09
CA GLY A 31 -3.30 18.23 8.46
C GLY A 31 -3.52 17.90 9.92
N ASN A 32 -4.72 18.20 10.42
CA ASN A 32 -5.02 17.97 11.83
C ASN A 32 -6.42 17.46 12.19
N GLY A 33 -7.26 17.11 11.22
CA GLY A 33 -8.59 16.57 11.51
C GLY A 33 -8.57 15.06 11.68
N GLU A 34 -9.67 14.39 11.28
CA GLU A 34 -9.75 12.91 11.36
C GLU A 34 -8.55 12.25 10.70
N THR A 35 -7.97 11.25 11.34
CA THR A 35 -6.76 10.61 10.78
C THR A 35 -7.07 9.60 9.67
N VAL A 36 -6.38 9.73 8.54
CA VAL A 36 -6.36 8.74 7.47
C VAL A 36 -4.92 8.25 7.36
N ILE A 37 -4.70 6.94 7.53
CA ILE A 37 -3.37 6.38 7.34
C ILE A 37 -3.35 5.72 5.96
N MET A 38 -2.35 6.08 5.16
CA MET A 38 -2.18 5.57 3.83
C MET A 38 -0.95 4.67 3.76
N LEU A 39 -1.12 3.51 3.16
CA LEU A 39 -0.18 2.40 3.23
C LEU A 39 0.20 1.99 1.80
N HIS A 40 1.50 1.84 1.56
CA HIS A 40 2.05 1.69 0.23
C HIS A 40 2.27 0.26 -0.13
N GLY A 41 2.59 0.01 -1.41
CA GLY A 41 2.87 -1.33 -1.92
C GLY A 41 4.27 -1.83 -1.57
N GLY A 42 4.56 -3.05 -2.01
CA GLY A 42 5.81 -3.72 -1.63
C GLY A 42 6.91 -3.76 -2.67
N GLY A 43 6.85 -2.90 -3.69
CA GLY A 43 7.87 -2.90 -4.72
C GLY A 43 9.16 -2.27 -4.20
N PRO A 44 10.33 -2.61 -4.79
CA PRO A 44 11.60 -2.00 -4.39
C PRO A 44 11.55 -0.46 -4.44
N GLY A 45 11.95 0.18 -3.36
CA GLY A 45 11.97 1.63 -3.28
C GLY A 45 10.66 2.29 -2.91
N ALA A 46 9.61 1.49 -2.65
CA ALA A 46 8.32 2.06 -2.23
C ALA A 46 8.41 2.77 -0.89
N GLY A 47 7.57 3.79 -0.75
CA GLY A 47 7.40 4.49 0.50
C GLY A 47 6.13 5.31 0.47
N GLY A 48 5.75 5.82 1.63
CA GLY A 48 4.50 6.55 1.79
C GLY A 48 4.40 7.81 0.95
N TRP A 49 5.40 8.67 1.07
CA TRP A 49 5.40 9.93 0.33
C TRP A 49 5.35 9.74 -1.18
N SER A 50 6.21 8.91 -1.76
CA SER A 50 6.18 8.75 -3.23
C SER A 50 4.90 8.05 -3.73
N ASN A 51 4.35 7.18 -2.90
CA ASN A 51 3.14 6.45 -3.31
C ASN A 51 1.92 7.36 -3.32
N TYR A 52 1.89 8.32 -2.41
CA TYR A 52 0.70 9.12 -2.17
C TYR A 52 0.89 10.63 -2.34
N TYR A 53 1.95 11.08 -3.01
N TYR A 53 1.95 10.99 -3.07
CA TYR A 53 2.15 12.53 -3.02
CA TYR A 53 2.30 12.39 -3.37
C TYR A 53 1.14 13.30 -3.91
C TYR A 53 1.11 13.20 -3.83
N ARG A 54 0.33 12.61 -4.72
CA ARG A 54 -0.77 13.29 -5.41
C ARG A 54 -2.07 13.34 -4.60
N ASN A 55 -2.10 12.69 -3.45
CA ASN A 55 -3.32 12.58 -2.65
C ASN A 55 -3.24 13.32 -1.34
N VAL A 56 -2.03 13.50 -0.80
CA VAL A 56 -1.90 14.04 0.56
C VAL A 56 -2.51 15.44 0.65
N GLY A 57 -2.21 16.29 -0.33
CA GLY A 57 -2.73 17.68 -0.38
C GLY A 57 -4.25 17.78 -0.39
N PRO A 58 -4.89 17.12 -1.37
CA PRO A 58 -6.35 17.13 -1.43
C PRO A 58 -7.03 16.61 -0.18
N PHE A 59 -6.52 15.52 0.39
CA PHE A 59 -7.08 14.99 1.64
C PHE A 59 -6.93 15.98 2.81
N VAL A 60 -5.76 16.59 2.93
CA VAL A 60 -5.55 17.63 3.95
C VAL A 60 -6.49 18.81 3.73
N ASP A 61 -6.68 19.25 2.48
CA ASP A 61 -7.63 20.32 2.14
C ASP A 61 -9.06 19.97 2.51
N ALA A 62 -9.39 18.68 2.44
CA ALA A 62 -10.72 18.20 2.80
C ALA A 62 -10.92 18.13 4.32
N GLY A 63 -9.84 18.29 5.08
CA GLY A 63 -9.94 18.38 6.53
C GLY A 63 -9.43 17.19 7.29
N TYR A 64 -8.75 16.27 6.61
CA TYR A 64 -8.18 15.11 7.28
C TYR A 64 -6.75 15.33 7.70
N ARG A 65 -6.35 14.59 8.71
CA ARG A 65 -4.96 14.45 9.06
C ARG A 65 -4.46 13.22 8.32
N VAL A 66 -3.46 13.41 7.47
CA VAL A 66 -2.93 12.32 6.67
C VAL A 66 -1.58 11.90 7.19
N ILE A 67 -1.45 10.60 7.47
CA ILE A 67 -0.20 9.95 7.81
C ILE A 67 0.13 8.97 6.67
N LEU A 68 1.20 9.26 5.94
CA LEU A 68 1.73 8.38 4.92
C LEU A 68 2.83 7.56 5.59
N LYS A 69 2.51 6.31 5.89
CA LYS A 69 3.39 5.46 6.68
C LYS A 69 4.35 4.66 5.82
N ASP A 70 5.63 4.64 6.21
CA ASP A 70 6.57 3.66 5.67
C ASP A 70 6.43 2.36 6.46
N SER A 71 6.10 1.27 5.76
CA SER A 71 5.97 -0.04 6.38
C SER A 71 7.36 -0.58 6.75
N PRO A 72 7.42 -1.47 7.76
CA PRO A 72 8.72 -2.03 8.13
C PRO A 72 9.45 -2.62 6.95
N GLY A 73 10.75 -2.35 6.86
CA GLY A 73 11.53 -2.88 5.75
C GLY A 73 11.39 -2.13 4.45
N PHE A 74 10.85 -0.91 4.55
CA PHE A 74 10.75 -0.01 3.40
C PHE A 74 11.19 1.40 3.75
N ASN A 75 11.78 2.05 2.77
CA ASN A 75 12.15 3.47 2.83
C ASN A 75 12.91 3.78 4.11
N LYS A 76 12.46 4.72 4.92
CA LYS A 76 13.20 5.18 6.08
C LYS A 76 12.78 4.49 7.38
N SER A 77 11.88 3.51 7.29
CA SER A 77 11.59 2.68 8.45
C SER A 77 12.70 1.64 8.61
N ASP A 78 12.81 1.09 9.82
CA ASP A 78 13.88 0.11 10.13
C ASP A 78 13.84 -1.11 9.22
N ALA A 79 15.01 -1.70 9.04
CA ALA A 79 15.17 -2.95 8.30
C ALA A 79 14.57 -4.09 9.10
N VAL A 80 14.07 -5.11 8.41
CA VAL A 80 13.48 -6.24 9.11
C VAL A 80 13.38 -7.44 8.17
N VAL A 81 13.55 -8.63 8.73
CA VAL A 81 13.29 -9.88 8.02
C VAL A 81 12.10 -10.50 8.72
N MET A 82 11.01 -10.69 7.98
CA MET A 82 9.77 -11.22 8.53
C MET A 82 9.64 -12.71 8.23
N ASP A 83 9.24 -13.48 9.24
CA ASP A 83 8.95 -14.91 9.03
C ASP A 83 7.44 -15.18 8.94
N GLU A 84 6.63 -14.15 9.18
CA GLU A 84 5.18 -14.25 9.04
C GLU A 84 4.74 -13.43 7.83
N GLN A 85 3.54 -13.69 7.33
CA GLN A 85 3.03 -12.98 6.15
C GLN A 85 3.05 -11.46 6.40
N ARG A 86 3.45 -10.69 5.40
CA ARG A 86 3.74 -9.24 5.62
C ARG A 86 2.52 -8.42 5.99
N GLY A 87 1.34 -8.83 5.51
CA GLY A 87 0.12 -8.10 5.81
C GLY A 87 -0.09 -7.97 7.30
N LEU A 88 0.07 -9.08 8.00
CA LEU A 88 -0.19 -9.14 9.44
C LEU A 88 0.88 -8.35 10.20
N VAL A 89 2.14 -8.54 9.83
CA VAL A 89 3.24 -7.84 10.50
C VAL A 89 3.10 -6.33 10.29
N ASN A 90 2.85 -5.91 9.05
CA ASN A 90 2.59 -4.50 8.78
C ASN A 90 1.45 -3.94 9.58
N ALA A 91 0.40 -4.75 9.77
CA ALA A 91 -0.78 -4.31 10.48
C ALA A 91 -0.44 -4.05 11.96
N ARG A 92 0.33 -4.94 12.55
CA ARG A 92 0.83 -4.76 13.92
C ARG A 92 1.61 -3.45 14.04
N ALA A 93 2.41 -3.13 13.02
CA ALA A 93 3.16 -1.88 13.02
C ALA A 93 2.25 -0.63 12.95
N VAL A 94 1.15 -0.71 12.20
CA VAL A 94 0.17 0.36 12.18
C VAL A 94 -0.44 0.57 13.57
N LYS A 95 -0.77 -0.52 14.26
CA LYS A 95 -1.31 -0.42 15.62
C LYS A 95 -0.28 0.22 16.56
N GLY A 96 0.97 -0.22 16.45
CA GLY A 96 2.06 0.35 17.26
C GLY A 96 2.22 1.85 17.04
N LEU A 97 2.16 2.27 15.78
CA LEU A 97 2.22 3.70 15.47
C LEU A 97 1.02 4.43 16.08
N MET A 98 -0.18 3.88 15.92
CA MET A 98 -1.38 4.56 16.42
C MET A 98 -1.36 4.68 17.95
N ASP A 99 -0.98 3.60 18.63
CA ASP A 99 -0.85 3.66 20.10
C ASP A 99 0.14 4.75 20.51
N ALA A 100 1.33 4.70 19.90
CA ALA A 100 2.40 5.68 20.15
C ALA A 100 1.96 7.13 19.93
N LEU A 101 1.08 7.37 18.94
CA LEU A 101 0.62 8.72 18.65
C LEU A 101 -0.74 9.06 19.28
N ASP A 102 -1.29 8.18 20.14
CA ASP A 102 -2.62 8.39 20.74
C ASP A 102 -3.72 8.60 19.70
N ILE A 103 -3.70 7.79 18.64
CA ILE A 103 -4.78 7.79 17.66
C ILE A 103 -5.69 6.61 18.00
N ASP A 104 -6.95 6.91 18.30
CA ASP A 104 -7.92 5.92 18.74
C ASP A 104 -8.43 5.09 17.57
N ARG A 105 -8.77 5.77 16.49
CA ARG A 105 -9.29 5.14 15.30
C ARG A 105 -8.75 5.85 14.06
N ALA A 106 -8.46 5.08 13.02
CA ALA A 106 -8.02 5.65 11.74
C ALA A 106 -8.79 5.05 10.56
N HIS A 107 -9.07 5.89 9.57
CA HIS A 107 -9.41 5.39 8.23
C HIS A 107 -8.15 4.86 7.59
N LEU A 108 -8.25 3.72 6.91
CA LEU A 108 -7.09 3.17 6.20
C LEU A 108 -7.26 3.13 4.70
N VAL A 109 -6.18 3.53 4.01
CA VAL A 109 -6.05 3.49 2.56
C VAL A 109 -4.84 2.61 2.26
N GLY A 110 -5.03 1.57 1.46
CA GLY A 110 -3.95 0.62 1.22
C GLY A 110 -3.91 0.11 -0.19
N ASN A 111 -2.78 0.31 -0.89
N ASN A 111 -2.72 0.20 -0.77
CA ASN A 111 -2.64 -0.28 -2.22
CA ASN A 111 -2.47 -0.24 -2.12
C ASN A 111 -1.64 -1.43 -2.26
C ASN A 111 -1.63 -1.51 -2.15
N ALA A 112 -2.05 -2.50 -2.93
CA ALA A 112 -1.25 -3.71 -3.11
C ALA A 112 -0.89 -4.32 -1.76
N MET A 113 0.40 -4.41 -1.41
CA MET A 113 0.79 -4.89 -0.08
C MET A 113 0.10 -4.08 1.02
N GLY A 114 -0.02 -2.78 0.80
CA GLY A 114 -0.69 -1.90 1.75
C GLY A 114 -2.16 -2.26 1.90
N GLY A 115 -2.78 -2.79 0.85
CA GLY A 115 -4.15 -3.31 0.92
C GLY A 115 -4.24 -4.56 1.80
N ALA A 116 -3.23 -5.42 1.69
CA ALA A 116 -3.13 -6.59 2.58
C ALA A 116 -2.97 -6.13 4.03
N THR A 117 -2.10 -5.12 4.25
CA THR A 117 -1.93 -4.53 5.58
C THR A 117 -3.26 -4.04 6.16
N ALA A 118 -4.02 -3.31 5.35
CA ALA A 118 -5.26 -2.71 5.81
C ALA A 118 -6.30 -3.77 6.15
N LEU A 119 -6.39 -4.80 5.30
CA LEU A 119 -7.27 -5.96 5.54
C LEU A 119 -6.95 -6.67 6.86
N ASN A 120 -5.67 -7.00 7.07
CA ASN A 120 -5.23 -7.62 8.32
C ASN A 120 -5.51 -6.77 9.54
N PHE A 121 -5.35 -5.46 9.39
CA PHE A 121 -5.67 -4.52 10.46
C PHE A 121 -7.15 -4.57 10.77
N ALA A 122 -7.99 -4.49 9.74
CA ALA A 122 -9.45 -4.55 9.93
C ALA A 122 -9.87 -5.86 10.62
N LEU A 123 -9.15 -6.95 10.35
CA LEU A 123 -9.42 -8.25 10.95
C LEU A 123 -8.92 -8.35 12.42
N GLU A 124 -7.69 -7.89 12.65
CA GLU A 124 -7.07 -8.00 13.97
C GLU A 124 -7.56 -6.94 14.95
N TYR A 125 -7.82 -5.73 14.47
CA TYR A 125 -8.14 -4.62 15.35
C TYR A 125 -9.39 -3.87 14.88
N PRO A 126 -10.55 -4.56 14.85
CA PRO A 126 -11.79 -3.96 14.33
C PRO A 126 -12.24 -2.72 15.08
N ASP A 127 -11.94 -2.64 16.37
CA ASP A 127 -12.28 -1.48 17.17
C ASP A 127 -11.42 -0.23 16.86
N ARG A 128 -10.34 -0.41 16.10
CA ARG A 128 -9.40 0.69 15.81
C ARG A 128 -9.46 1.22 14.38
N ILE A 129 -10.36 0.70 13.55
CA ILE A 129 -10.51 1.18 12.16
C ILE A 129 -11.83 1.90 11.97
N GLY A 130 -11.79 2.97 11.17
CA GLY A 130 -13.00 3.65 10.75
C GLY A 130 -13.46 2.99 9.46
N LYS A 131 -13.26 3.67 8.34
CA LYS A 131 -13.52 3.10 7.03
C LYS A 131 -12.26 2.52 6.40
N LEU A 132 -12.47 1.65 5.42
CA LEU A 132 -11.42 0.87 4.80
C LEU A 132 -11.43 1.12 3.29
N ILE A 133 -10.31 1.58 2.74
CA ILE A 133 -10.19 1.84 1.33
C ILE A 133 -9.08 0.95 0.77
N LEU A 134 -9.43 0.08 -0.17
CA LEU A 134 -8.53 -0.95 -0.66
C LEU A 134 -8.27 -0.77 -2.15
N MET A 135 -7.01 -0.55 -2.53
CA MET A 135 -6.68 -0.43 -3.94
C MET A 135 -5.86 -1.62 -4.42
N GLY A 136 -6.49 -2.52 -5.17
CA GLY A 136 -5.84 -3.74 -5.61
C GLY A 136 -4.93 -4.42 -4.59
N PRO A 137 -5.50 -4.82 -3.42
CA PRO A 137 -4.72 -5.55 -2.41
C PRO A 137 -4.11 -6.85 -2.90
N GLY A 138 -2.88 -7.12 -2.50
CA GLY A 138 -2.17 -8.32 -2.93
C GLY A 138 -2.36 -9.47 -1.96
N GLY A 139 -1.98 -10.66 -2.43
CA GLY A 139 -1.96 -11.87 -1.62
C GLY A 139 -3.27 -12.58 -1.36
N LEU A 140 -4.33 -12.31 -2.14
CA LEU A 140 -5.65 -12.88 -1.89
C LEU A 140 -5.87 -14.21 -2.62
N GLY A 141 -4.81 -15.00 -2.78
CA GLY A 141 -4.93 -16.33 -3.34
C GLY A 141 -4.94 -16.36 -4.85
N PRO A 142 -5.37 -17.47 -5.44
CA PRO A 142 -5.30 -17.57 -6.89
C PRO A 142 -6.33 -16.70 -7.58
N SER A 143 -6.06 -16.34 -8.82
CA SER A 143 -7.07 -15.71 -9.66
C SER A 143 -7.82 -16.83 -10.38
N MET A 144 -9.08 -16.56 -10.73
CA MET A 144 -9.85 -17.47 -11.59
C MET A 144 -9.43 -17.36 -13.05
N PHE A 145 -8.70 -16.31 -13.44
CA PHE A 145 -8.29 -16.10 -14.85
C PHE A 145 -6.80 -15.86 -15.08
N ALA A 146 -6.14 -15.17 -14.16
CA ALA A 146 -4.76 -14.78 -14.35
C ALA A 146 -3.77 -15.85 -13.89
N PRO A 147 -2.90 -16.32 -14.79
CA PRO A 147 -1.79 -17.14 -14.35
C PRO A 147 -0.93 -16.41 -13.32
N MET A 148 -0.46 -17.12 -12.30
CA MET A 148 0.39 -16.53 -11.28
C MET A 148 1.72 -17.28 -11.17
N PRO A 149 2.82 -16.57 -10.86
CA PRO A 149 2.89 -15.14 -10.50
C PRO A 149 2.51 -14.21 -11.65
N MET A 150 1.83 -13.12 -11.35
CA MET A 150 1.45 -12.20 -12.39
C MET A 150 2.70 -11.56 -12.98
N GLU A 151 2.55 -11.12 -14.22
CA GLU A 151 3.62 -10.45 -14.96
C GLU A 151 4.39 -9.41 -14.11
N GLY A 152 3.64 -8.57 -13.42
CA GLY A 152 4.22 -7.50 -12.62
C GLY A 152 5.02 -8.01 -11.43
N ILE A 153 4.54 -9.10 -10.84
CA ILE A 153 5.23 -9.71 -9.71
C ILE A 153 6.57 -10.30 -10.14
N LYS A 154 6.61 -10.92 -11.31
CA LYS A 154 7.88 -11.41 -11.85
C LYS A 154 8.89 -10.29 -11.99
N LEU A 155 8.45 -9.15 -12.50
CA LEU A 155 9.33 -7.98 -12.62
C LEU A 155 9.72 -7.41 -11.27
N LEU A 156 8.78 -7.39 -10.33
CA LEU A 156 9.10 -6.97 -8.98
C LEU A 156 10.20 -7.85 -8.36
N PHE A 157 10.11 -9.18 -8.55
N PHE A 157 10.13 -9.17 -8.53
CA PHE A 157 11.15 -10.09 -8.04
CA PHE A 157 11.18 -10.03 -7.95
C PHE A 157 12.49 -9.83 -8.69
C PHE A 157 12.52 -9.90 -8.70
N LYS A 158 12.47 -9.66 -10.01
CA LYS A 158 13.69 -9.43 -10.77
C LYS A 158 14.40 -8.14 -10.33
N LEU A 159 13.62 -7.10 -10.02
CA LEU A 159 14.18 -5.84 -9.54
C LEU A 159 14.75 -5.97 -8.13
N TYR A 160 14.08 -6.72 -7.28
CA TYR A 160 14.60 -7.03 -5.94
C TYR A 160 15.94 -7.77 -6.01
N ALA A 161 16.01 -8.77 -6.88
CA ALA A 161 17.17 -9.67 -6.99
C ALA A 161 18.32 -9.05 -7.76
N GLU A 162 18.00 -8.34 -8.85
CA GLU A 162 19.02 -7.71 -9.69
C GLU A 162 18.66 -6.25 -9.95
N PRO A 163 18.78 -5.41 -8.91
CA PRO A 163 18.36 -4.03 -9.03
C PRO A 163 19.20 -3.26 -10.04
N SER A 164 18.53 -2.54 -10.94
CA SER A 164 19.19 -1.71 -11.94
C SER A 164 18.20 -0.68 -12.42
N TYR A 165 18.71 0.39 -12.97
CA TYR A 165 17.88 1.50 -13.41
C TYR A 165 16.99 1.05 -14.57
N GLU A 166 17.54 0.24 -15.47
CA GLU A 166 16.76 -0.29 -16.61
C GLU A 166 15.62 -1.21 -16.17
N THR A 167 15.90 -2.06 -15.20
CA THR A 167 14.91 -2.99 -14.69
C THR A 167 13.83 -2.23 -13.92
N LEU A 168 14.22 -1.17 -13.20
CA LEU A 168 13.26 -0.29 -12.54
C LEU A 168 12.31 0.31 -13.58
N LYS A 169 12.88 0.79 -14.68
CA LYS A 169 12.06 1.38 -15.75
C LYS A 169 11.11 0.35 -16.36
N GLN A 170 11.60 -0.86 -16.63
CA GLN A 170 10.75 -1.94 -17.12
C GLN A 170 9.59 -2.18 -16.18
N MET A 171 9.89 -2.27 -14.87
N MET A 171 9.90 -2.25 -14.88
CA MET A 171 8.85 -2.49 -13.87
CA MET A 171 8.89 -2.51 -13.88
C MET A 171 7.81 -1.38 -13.94
C MET A 171 7.84 -1.38 -13.86
N LEU A 172 8.28 -0.13 -13.94
CA LEU A 172 7.36 1.01 -13.93
C LEU A 172 6.49 1.06 -15.19
N GLN A 173 7.05 0.69 -16.34
CA GLN A 173 6.27 0.62 -17.57
C GLN A 173 5.13 -0.40 -17.47
N VAL A 174 5.33 -1.44 -16.69
CA VAL A 174 4.27 -2.42 -16.46
C VAL A 174 3.28 -1.91 -15.41
N PHE A 175 3.79 -1.28 -14.35
N PHE A 175 3.81 -1.25 -14.38
CA PHE A 175 2.95 -0.71 -13.28
CA PHE A 175 3.05 -0.67 -13.26
C PHE A 175 1.93 0.30 -13.78
C PHE A 175 2.02 0.37 -13.68
N LEU A 176 2.35 1.16 -14.68
CA LEU A 176 1.55 2.28 -15.15
C LEU A 176 0.95 1.97 -16.50
N TYR A 177 -0.34 2.28 -16.68
CA TYR A 177 -0.95 2.18 -17.99
C TYR A 177 -0.36 3.22 -18.94
N ASP A 178 -0.40 4.47 -18.52
CA ASP A 178 0.09 5.58 -19.34
C ASP A 178 1.60 5.74 -19.15
N GLN A 179 2.36 5.28 -20.15
CA GLN A 179 3.84 5.33 -20.11
C GLN A 179 4.44 6.74 -19.98
N SER A 180 3.71 7.77 -20.43
CA SER A 180 4.18 9.15 -20.39
C SER A 180 4.16 9.74 -18.98
N LEU A 181 3.65 8.97 -18.03
CA LEU A 181 3.74 9.39 -16.64
C LEU A 181 5.12 9.08 -16.06
N ILE A 182 5.89 8.24 -16.74
CA ILE A 182 7.22 7.84 -16.25
C ILE A 182 8.26 8.89 -16.64
N THR A 183 8.36 9.94 -15.83
CA THR A 183 9.33 11.00 -16.05
C THR A 183 10.65 10.65 -15.40
N GLU A 184 11.69 11.42 -15.72
CA GLU A 184 13.00 11.20 -15.10
C GLU A 184 12.91 11.38 -13.59
N GLU A 185 12.06 12.32 -13.15
CA GLU A 185 11.85 12.59 -11.73
C GLU A 185 11.32 11.37 -10.95
N LEU A 186 10.31 10.70 -11.50
CA LEU A 186 9.75 9.50 -10.88
C LEU A 186 10.81 8.38 -10.82
N LEU A 187 11.50 8.13 -11.94
CA LEU A 187 12.55 7.10 -12.05
C LEU A 187 13.72 7.32 -11.09
N GLN A 188 14.33 8.51 -11.15
CA GLN A 188 15.44 8.88 -10.26
C GLN A 188 15.04 8.81 -8.79
N GLY A 189 13.84 9.28 -8.48
CA GLY A 189 13.36 9.26 -7.11
C GLY A 189 13.26 7.85 -6.57
N ARG A 190 12.61 6.99 -7.34
CA ARG A 190 12.48 5.59 -6.95
C ARG A 190 13.86 4.90 -6.89
N TRP A 191 14.70 5.22 -7.87
CA TRP A 191 16.06 4.70 -7.91
C TRP A 191 16.84 5.11 -6.69
N GLU A 192 16.68 6.35 -6.24
CA GLU A 192 17.40 6.82 -5.05
C GLU A 192 16.98 6.02 -3.81
N ALA A 193 15.70 5.74 -3.66
CA ALA A 193 15.19 4.94 -2.55
C ALA A 193 15.78 3.53 -2.54
N ILE A 194 15.98 2.95 -3.71
CA ILE A 194 16.59 1.62 -3.84
C ILE A 194 18.09 1.65 -3.48
N GLN A 195 18.81 2.61 -4.04
CA GLN A 195 20.24 2.79 -3.75
C GLN A 195 20.57 3.09 -2.31
N ARG A 196 19.67 3.83 -1.65
CA ARG A 196 19.86 4.30 -0.29
C ARG A 196 19.71 3.18 0.76
N GLN A 197 18.95 2.14 0.42
CA GLN A 197 18.66 1.08 1.39
C GLN A 197 18.76 -0.30 0.74
N PRO A 198 19.97 -0.71 0.32
CA PRO A 198 20.09 -2.03 -0.32
C PRO A 198 19.67 -3.16 0.61
N GLU A 199 19.90 -3.00 1.90
CA GLU A 199 19.50 -4.01 2.87
C GLU A 199 18.01 -4.39 2.75
N HIS A 200 17.14 -3.42 2.44
CA HIS A 200 15.70 -3.69 2.33
C HIS A 200 15.40 -4.70 1.26
N LEU A 201 16.16 -4.65 0.17
CA LEU A 201 15.92 -5.54 -0.98
C LEU A 201 16.25 -7.00 -0.62
N LYS A 202 17.43 -7.21 -0.06
CA LYS A 202 17.82 -8.57 0.30
C LYS A 202 16.90 -9.14 1.39
N ASN A 203 16.48 -8.29 2.35
CA ASN A 203 15.60 -8.72 3.42
C ASN A 203 14.21 -9.11 2.93
N PHE A 204 13.71 -8.40 1.92
CA PHE A 204 12.39 -8.71 1.37
C PHE A 204 12.41 -10.10 0.75
N LEU A 205 13.49 -10.42 0.04
CA LEU A 205 13.61 -11.70 -0.63
C LEU A 205 13.74 -12.85 0.39
N ILE A 206 14.45 -12.60 1.48
CA ILE A 206 14.58 -13.56 2.57
C ILE A 206 13.20 -13.77 3.19
N SER A 207 12.51 -12.67 3.48
CA SER A 207 11.14 -12.73 4.01
C SER A 207 10.19 -13.51 3.11
N ALA A 208 10.33 -13.36 1.79
CA ALA A 208 9.46 -14.04 0.83
C ALA A 208 9.68 -15.56 0.85
N GLN A 209 10.93 -15.98 1.11
CA GLN A 209 11.26 -17.39 1.30
C GLN A 209 10.62 -17.93 2.57
N LYS A 210 10.70 -17.18 3.66
CA LYS A 210 10.09 -17.60 4.92
C LYS A 210 8.54 -17.60 4.89
N ALA A 211 7.94 -16.69 4.14
CA ALA A 211 6.48 -16.59 4.10
C ALA A 211 6.01 -16.27 2.69
N PRO A 212 5.79 -17.32 1.87
CA PRO A 212 5.37 -17.11 0.48
C PRO A 212 4.03 -16.36 0.37
N LEU A 213 3.73 -15.88 -0.83
CA LEU A 213 2.52 -15.10 -1.08
C LEU A 213 1.25 -15.88 -0.70
N SER A 214 1.28 -17.21 -0.85
CA SER A 214 0.15 -18.04 -0.45
C SER A 214 -0.21 -17.87 1.03
N THR A 215 0.78 -17.52 1.85
CA THR A 215 0.55 -17.35 3.29
C THR A 215 -0.15 -16.03 3.63
N TRP A 216 -0.20 -15.10 2.68
CA TRP A 216 -0.89 -13.81 2.88
C TRP A 216 -2.39 -13.91 2.69
N ASP A 217 -2.88 -15.02 2.16
CA ASP A 217 -4.28 -15.11 1.76
C ASP A 217 -5.23 -15.18 2.94
N VAL A 218 -5.90 -14.06 3.22
CA VAL A 218 -6.87 -13.94 4.30
C VAL A 218 -8.34 -14.05 3.82
N THR A 219 -8.54 -14.59 2.61
CA THR A 219 -9.88 -14.70 2.00
C THR A 219 -10.93 -15.28 2.95
N ALA A 220 -10.56 -16.36 3.63
CA ALA A 220 -11.46 -17.12 4.49
C ALA A 220 -12.01 -16.30 5.64
N ARG A 221 -11.34 -15.19 5.98
CA ARG A 221 -11.76 -14.36 7.10
C ARG A 221 -12.46 -13.06 6.71
N LEU A 222 -12.62 -12.82 5.40
CA LEU A 222 -13.18 -11.55 4.92
C LEU A 222 -14.56 -11.24 5.50
N GLY A 223 -15.36 -12.28 5.76
CA GLY A 223 -16.67 -12.15 6.38
C GLY A 223 -16.63 -11.51 7.76
N GLU A 224 -15.46 -11.48 8.41
CA GLU A 224 -15.31 -10.82 9.72
C GLU A 224 -15.31 -9.29 9.65
N ILE A 225 -15.02 -8.73 8.48
CA ILE A 225 -14.83 -7.29 8.36
C ILE A 225 -16.15 -6.53 8.46
N LYS A 226 -16.25 -5.67 9.49
CA LYS A 226 -17.42 -4.83 9.69
C LYS A 226 -17.22 -3.40 9.20
N ALA A 227 -16.00 -3.05 8.81
CA ALA A 227 -15.74 -1.72 8.27
C ALA A 227 -16.42 -1.52 6.92
N LYS A 228 -17.04 -0.35 6.73
CA LYS A 228 -17.50 0.05 5.41
C LYS A 228 -16.28 0.15 4.51
N THR A 229 -16.37 -0.48 3.34
CA THR A 229 -15.19 -0.74 2.51
C THR A 229 -15.41 -0.22 1.10
N PHE A 230 -14.38 0.46 0.59
CA PHE A 230 -14.37 0.99 -0.78
C PHE A 230 -13.20 0.32 -1.47
N ILE A 231 -13.50 -0.50 -2.48
CA ILE A 231 -12.49 -1.26 -3.21
C ILE A 231 -12.25 -0.56 -4.52
N THR A 232 -11.01 -0.26 -4.86
CA THR A 232 -10.70 0.32 -6.17
C THR A 232 -9.77 -0.60 -6.91
N TRP A 233 -9.88 -0.60 -8.23
CA TRP A 233 -9.00 -1.39 -9.08
C TRP A 233 -8.67 -0.63 -10.34
N GLY A 234 -7.46 -0.81 -10.82
CA GLY A 234 -7.14 -0.45 -12.20
C GLY A 234 -7.52 -1.56 -13.14
N ARG A 235 -8.31 -1.23 -14.17
CA ARG A 235 -8.71 -2.19 -15.21
C ARG A 235 -7.51 -2.91 -15.79
N ASP A 236 -6.39 -2.21 -15.91
CA ASP A 236 -5.23 -2.73 -16.62
C ASP A 236 -4.08 -3.12 -15.68
N ASP A 237 -4.44 -3.51 -14.45
CA ASP A 237 -3.48 -3.87 -13.41
C ASP A 237 -2.84 -5.20 -13.76
N ARG A 238 -1.50 -5.21 -13.94
CA ARG A 238 -0.76 -6.40 -14.31
C ARG A 238 -0.01 -7.01 -13.10
N PHE A 239 -0.33 -6.52 -11.90
CA PHE A 239 0.29 -7.00 -10.65
C PHE A 239 -0.65 -7.81 -9.79
N VAL A 240 -1.91 -7.38 -9.72
CA VAL A 240 -2.92 -8.03 -8.92
C VAL A 240 -4.19 -8.14 -9.76
N PRO A 241 -4.81 -9.34 -9.79
CA PRO A 241 -5.83 -9.63 -10.79
C PRO A 241 -7.19 -8.98 -10.52
N LEU A 242 -7.78 -8.45 -11.56
CA LEU A 242 -9.07 -7.75 -11.50
C LEU A 242 -10.17 -8.56 -10.82
N ASP A 243 -10.18 -9.88 -11.01
CA ASP A 243 -11.23 -10.69 -10.40
C ASP A 243 -11.15 -10.72 -8.89
N HIS A 244 -10.00 -10.33 -8.32
CA HIS A 244 -9.93 -10.19 -6.86
C HIS A 244 -10.75 -9.03 -6.35
N GLY A 245 -11.04 -8.04 -7.20
CA GLY A 245 -11.97 -6.98 -6.82
C GLY A 245 -13.37 -7.56 -6.58
N LEU A 246 -13.76 -8.51 -7.43
CA LEU A 246 -15.03 -9.22 -7.24
C LEU A 246 -15.02 -10.10 -5.99
N LYS A 247 -13.90 -10.81 -5.77
CA LYS A 247 -13.73 -11.63 -4.55
C LYS A 247 -14.01 -10.80 -3.30
N LEU A 248 -13.41 -9.61 -3.22
CA LEU A 248 -13.64 -8.72 -2.07
C LEU A 248 -15.09 -8.28 -2.03
N LEU A 249 -15.65 -7.92 -3.18
CA LEU A 249 -17.02 -7.40 -3.23
C LEU A 249 -18.06 -8.42 -2.79
N TRP A 250 -17.83 -9.68 -3.13
CA TRP A 250 -18.71 -10.76 -2.69
C TRP A 250 -18.55 -11.15 -1.24
N ASN A 251 -17.38 -10.97 -0.65
CA ASN A 251 -17.10 -11.54 0.67
C ASN A 251 -17.11 -10.58 1.85
N ILE A 252 -16.92 -9.30 1.58
CA ILE A 252 -17.02 -8.28 2.63
C ILE A 252 -18.45 -7.80 2.70
N ASP A 253 -18.98 -7.64 3.91
CA ASP A 253 -20.38 -7.24 4.14
C ASP A 253 -20.83 -5.95 3.43
N ASP A 254 -20.17 -4.83 3.74
CA ASP A 254 -20.55 -3.53 3.19
C ASP A 254 -19.43 -3.00 2.33
N ALA A 255 -19.41 -3.43 1.06
CA ALA A 255 -18.38 -3.02 0.13
C ALA A 255 -18.96 -2.45 -1.16
N ARG A 256 -18.17 -1.65 -1.86
CA ARG A 256 -18.47 -1.27 -3.23
C ARG A 256 -17.16 -1.29 -4.01
N LEU A 257 -17.26 -1.45 -5.34
CA LEU A 257 -16.10 -1.62 -6.19
C LEU A 257 -16.11 -0.57 -7.29
N HIS A 258 -14.99 0.13 -7.43
CA HIS A 258 -14.83 1.13 -8.47
C HIS A 258 -13.63 0.76 -9.30
N VAL A 259 -13.84 0.59 -10.60
CA VAL A 259 -12.77 0.23 -11.51
C VAL A 259 -12.54 1.37 -12.51
N PHE A 260 -11.28 1.78 -12.59
CA PHE A 260 -10.85 2.84 -13.50
C PHE A 260 -10.35 2.24 -14.80
N SER A 261 -10.80 2.74 -15.94
N SER A 261 -10.79 2.76 -15.93
CA SER A 261 -10.22 2.35 -17.22
CA SER A 261 -10.21 2.37 -17.20
C SER A 261 -8.87 3.03 -17.42
C SER A 261 -8.86 3.04 -17.40
N LYS A 262 -8.01 2.43 -18.24
CA LYS A 262 -6.68 3.00 -18.58
C LYS A 262 -5.90 3.29 -17.32
N CYS A 263 -5.68 2.25 -16.53
CA CYS A 263 -5.15 2.40 -15.21
C CYS A 263 -4.48 1.13 -14.76
N GLY A 264 -3.23 1.24 -14.32
CA GLY A 264 -2.53 0.10 -13.74
C GLY A 264 -2.83 -0.01 -12.27
N GLN A 265 -1.82 -0.41 -11.51
CA GLN A 265 -1.95 -0.62 -10.09
C GLN A 265 -2.07 0.66 -9.27
N TRP A 266 -1.55 1.79 -9.79
N TRP A 266 -1.67 1.80 -9.85
CA TRP A 266 -1.59 3.06 -9.04
CA TRP A 266 -1.50 3.04 -9.12
C TRP A 266 -2.67 3.96 -9.53
C TRP A 266 -2.63 4.03 -9.39
N ALA A 267 -3.90 3.63 -9.15
CA ALA A 267 -5.05 4.47 -9.46
C ALA A 267 -4.96 5.83 -8.79
N GLN A 268 -4.40 5.86 -7.58
CA GLN A 268 -4.28 7.12 -6.85
C GLN A 268 -3.32 8.10 -7.52
N TRP A 269 -2.51 7.59 -8.44
N TRP A 269 -2.42 7.58 -8.38
CA TRP A 269 -1.55 8.39 -9.17
CA TRP A 269 -1.54 8.39 -9.21
C TRP A 269 -2.03 8.65 -10.58
C TRP A 269 -2.15 8.66 -10.55
N GLU A 270 -2.46 7.60 -11.29
CA GLU A 270 -2.91 7.74 -12.67
C GLU A 270 -4.25 8.44 -12.82
N HIS A 271 -5.13 8.27 -11.84
CA HIS A 271 -6.46 8.92 -11.84
C HIS A 271 -6.66 9.66 -10.55
N ALA A 272 -5.70 10.52 -10.22
CA ALA A 272 -5.61 11.13 -8.90
C ALA A 272 -6.84 11.98 -8.57
N ASP A 273 -7.28 12.82 -9.50
CA ASP A 273 -8.43 13.70 -9.26
C ASP A 273 -9.70 12.92 -8.95
N GLU A 274 -10.01 11.92 -9.78
CA GLU A 274 -11.21 11.13 -9.58
C GLU A 274 -11.06 10.30 -8.31
N PHE A 275 -9.91 9.67 -8.12
CA PHE A 275 -9.62 8.92 -6.92
C PHE A 275 -9.83 9.76 -5.66
N ASN A 276 -9.24 10.95 -5.63
CA ASN A 276 -9.37 11.82 -4.45
C ASN A 276 -10.84 12.20 -4.17
N ARG A 277 -11.58 12.58 -5.19
CA ARG A 277 -12.99 12.93 -5.00
C ARG A 277 -13.83 11.77 -4.50
N LEU A 278 -13.63 10.58 -5.07
CA LEU A 278 -14.41 9.42 -4.69
C LEU A 278 -14.17 9.00 -3.25
N VAL A 279 -12.89 8.96 -2.86
CA VAL A 279 -12.55 8.48 -1.54
C VAL A 279 -12.93 9.52 -0.50
N ILE A 280 -12.66 10.78 -0.76
CA ILE A 280 -13.08 11.83 0.17
C ILE A 280 -14.60 11.80 0.35
N ASP A 281 -15.34 11.60 -0.74
CA ASP A 281 -16.78 11.54 -0.64
C ASP A 281 -17.24 10.34 0.18
N PHE A 282 -16.56 9.22 -0.01
CA PHE A 282 -16.84 8.01 0.75
C PHE A 282 -16.56 8.22 2.24
N LEU A 283 -15.41 8.77 2.57
CA LEU A 283 -15.08 9.07 3.97
C LEU A 283 -16.09 10.01 4.62
N ARG A 284 -16.55 11.02 3.90
CA ARG A 284 -17.55 11.96 4.43
C ARG A 284 -18.96 11.38 4.58
N HIS A 285 -19.41 10.63 3.58
CA HIS A 285 -20.85 10.37 3.44
C HIS A 285 -21.31 8.93 3.50
N ALA A 286 -20.42 7.98 3.26
CA ALA A 286 -20.83 6.58 3.25
C ALA A 286 -21.20 6.13 4.66
C1 MLI B . -8.63 11.12 16.33
C2 MLI B . -8.48 9.75 16.94
C3 MLI B . -7.73 11.26 15.13
O6 MLI B . -7.80 9.62 17.95
O7 MLI B . -9.04 8.74 16.42
O8 MLI B . -6.55 11.63 15.30
O9 MLI B . -8.20 10.98 14.01
CB3 HPK C . 1.88 -8.70 -3.24
CB4 HPK C . 1.18 -9.18 -4.35
CB5 HPK C . 1.00 -8.34 -5.45
CB6 HPK C . 1.51 -7.05 -5.45
CB1 HPK C . 2.23 -6.59 -4.35
CB2 HPK C . 2.39 -7.41 -3.25
CA6 HPK C . 2.76 -5.20 -4.32
OA4 HPK C . 2.66 -4.58 -3.16
CA5 HPK C . 3.27 -4.59 -5.41
CA4 HPK C . 3.79 -3.22 -5.33
CA3 HPK C . 4.40 -2.66 -6.37
CA2 HPK C . 4.98 -1.28 -6.37
OA3 HPK C . 5.58 -0.93 -7.37
CA1 HPK C . 4.94 -0.32 -5.27
OA2 HPK C . 4.92 -0.72 -4.09
OA1 HPK C . 4.95 0.91 -5.53
#